data_2OQB
#
_entry.id   2OQB
#
_cell.length_a   46.127
_cell.length_b   46.127
_cell.length_c   201.325
_cell.angle_alpha   90.00
_cell.angle_beta   90.00
_cell.angle_gamma   90.00
#
_symmetry.space_group_name_H-M   'P 41 21 2'
#
loop_
_entity.id
_entity.type
_entity.pdbx_description
1 polymer 'Histone-arginine methyltransferase CARM1'
2 non-polymer 'CHLORIDE ION'
3 water water
#
_entity_poly.entity_id   1
_entity_poly.type   'polypeptide(L)'
_entity_poly.pdbx_seq_one_letter_code
;GSHMATVSVFPGARLLTIGDANGEIQRHAEQQALRLEVRAGPDAAGIALYSHEDVCVFKCSVSRETECSRVGRQSFIITL
GCNSVLIQFATPHDFCSFYNILKTCRGHTLERSVFSE
;
_entity_poly.pdbx_strand_id   A,B
#
loop_
_chem_comp.id
_chem_comp.type
_chem_comp.name
_chem_comp.formula
CL non-polymer 'CHLORIDE ION' 'Cl -1'
#
# COMPACT_ATOMS: atom_id res chain seq x y z
N GLY A 1 5.67 -14.65 29.58
CA GLY A 1 5.69 -14.26 31.03
C GLY A 1 6.48 -15.09 32.02
N SER A 2 7.79 -14.88 32.12
CA SER A 2 8.54 -13.93 31.29
C SER A 2 8.92 -14.59 29.97
N HIS A 3 9.37 -13.79 29.02
CA HIS A 3 9.94 -14.32 27.80
C HIS A 3 11.00 -13.38 27.25
N MET A 4 11.88 -13.94 26.42
CA MET A 4 12.97 -13.20 25.78
C MET A 4 12.70 -13.21 24.27
N ALA A 5 12.45 -12.04 23.71
CA ALA A 5 12.31 -11.92 22.25
C ALA A 5 13.64 -11.52 21.66
N THR A 6 13.96 -12.05 20.47
CA THR A 6 15.09 -11.55 19.70
C THR A 6 14.52 -10.84 18.48
N VAL A 7 14.77 -9.53 18.42
CA VAL A 7 14.14 -8.70 17.41
C VAL A 7 15.16 -8.15 16.42
N SER A 8 14.73 -7.98 15.17
CA SER A 8 15.55 -7.23 14.20
C SER A 8 15.25 -5.75 14.41
N VAL A 9 16.28 -4.94 14.56
CA VAL A 9 16.14 -3.52 14.87
C VAL A 9 16.54 -2.66 13.68
N PHE A 10 15.69 -1.71 13.30
CA PHE A 10 15.94 -0.79 12.18
C PHE A 10 15.85 0.64 12.73
N PRO A 11 17.00 1.19 13.17
CA PRO A 11 17.00 2.56 13.70
C PRO A 11 16.69 3.61 12.63
N GLY A 12 16.15 4.75 13.04
CA GLY A 12 15.99 5.89 12.14
C GLY A 12 14.90 5.68 11.10
N ALA A 13 13.82 5.01 11.51
CA ALA A 13 12.64 4.91 10.66
C ALA A 13 11.74 6.14 10.82
N ARG A 14 11.00 6.46 9.76
CA ARG A 14 9.98 7.51 9.79
C ARG A 14 8.59 6.86 9.67
N LEU A 15 7.63 7.39 10.40
CA LEU A 15 6.27 6.86 10.37
C LEU A 15 5.32 7.98 9.97
N LEU A 16 4.49 7.73 8.95
CA LEU A 16 3.47 8.68 8.53
C LEU A 16 2.13 7.99 8.66
N THR A 17 1.19 8.58 9.38
CA THR A 17 -0.15 8.00 9.53
C THR A 17 -1.11 8.73 8.61
N ILE A 18 -1.86 7.97 7.82
CA ILE A 18 -2.74 8.58 6.82
C ILE A 18 -4.17 8.04 6.75
N GLY A 19 -5.05 8.88 6.24
CA GLY A 19 -6.41 8.50 5.93
C GLY A 19 -6.83 9.17 4.63
N ASP A 20 -8.07 8.89 4.20
CA ASP A 20 -8.55 9.46 2.95
C ASP A 20 -10.03 9.87 3.06
N ALA A 21 -10.46 10.19 4.27
CA ALA A 21 -11.85 10.50 4.55
C ALA A 21 -12.25 11.90 4.05
N ASN A 22 -11.25 12.66 3.60
CA ASN A 22 -11.44 14.03 3.10
C ASN A 22 -11.50 14.09 1.59
N GLY A 23 -11.59 12.91 0.95
CA GLY A 23 -11.66 12.85 -0.51
C GLY A 23 -10.32 13.16 -1.15
N GLU A 24 -9.28 13.22 -0.33
CA GLU A 24 -7.92 13.40 -0.79
C GLU A 24 -7.07 12.50 0.11
N ILE A 25 -5.95 13.02 0.61
CA ILE A 25 -5.21 12.32 1.65
C ILE A 25 -5.16 13.21 2.86
N GLN A 26 -5.32 12.61 4.04
CA GLN A 26 -5.12 13.27 5.34
C GLN A 26 -3.85 12.74 5.95
N ARG A 27 -3.03 13.62 6.52
CA ARG A 27 -1.91 13.18 7.37
C ARG A 27 -2.32 13.33 8.81
N HIS A 28 -2.50 12.21 9.52
CA HIS A 28 -2.97 12.27 10.93
C HIS A 28 -1.84 12.49 11.92
N ALA A 29 -0.65 12.02 11.56
CA ALA A 29 0.51 12.04 12.45
C ALA A 29 1.75 11.78 11.61
N GLU A 30 2.88 12.34 12.05
CA GLU A 30 4.14 12.12 11.35
C GLU A 30 5.28 12.23 12.34
N GLN A 31 6.15 11.21 12.34
CA GLN A 31 7.20 11.11 13.34
C GLN A 31 8.50 10.55 12.79
N GLN A 32 9.58 11.26 13.07
CA GLN A 32 10.91 10.82 12.66
C GLN A 32 11.66 10.17 13.79
N ALA A 33 12.78 9.55 13.43
CA ALA A 33 13.76 9.02 14.36
C ALA A 33 13.17 7.98 15.29
N LEU A 34 12.43 7.04 14.71
CA LEU A 34 11.87 5.95 15.48
C LEU A 34 12.71 4.71 15.30
N ARG A 35 12.77 3.92 16.37
CA ARG A 35 13.43 2.63 16.35
C ARG A 35 12.38 1.57 16.04
N LEU A 36 12.46 0.95 14.87
CA LEU A 36 11.56 -0.15 14.53
C LEU A 36 12.13 -1.49 15.02
N GLU A 37 11.30 -2.26 15.73
CA GLU A 37 11.67 -3.63 16.14
C GLU A 37 10.70 -4.63 15.54
N VAL A 38 11.25 -5.70 14.94
CA VAL A 38 10.41 -6.72 14.32
C VAL A 38 10.68 -8.05 14.97
N ARG A 39 9.62 -8.69 15.48
CA ARG A 39 9.75 -10.04 16.05
C ARG A 39 9.18 -11.06 15.06
N ALA A 40 10.08 -11.82 14.45
CA ALA A 40 9.68 -12.82 13.47
C ALA A 40 9.10 -14.06 14.17
N GLY A 41 7.81 -14.34 13.93
CA GLY A 41 7.17 -15.56 14.40
C GLY A 41 6.72 -16.50 13.27
N PRO A 42 6.12 -17.62 13.64
CA PRO A 42 5.72 -18.65 12.68
C PRO A 42 4.88 -18.08 11.55
N ASP A 43 3.80 -17.37 11.92
CA ASP A 43 2.78 -16.96 10.94
C ASP A 43 2.53 -15.46 10.93
N ALA A 44 3.36 -14.73 11.67
CA ALA A 44 3.18 -13.30 11.70
C ALA A 44 4.44 -12.62 12.15
N ALA A 45 4.57 -11.37 11.75
CA ALA A 45 5.67 -10.53 12.18
C ALA A 45 5.13 -9.47 13.13
N GLY A 46 5.67 -9.42 14.35
CA GLY A 46 5.31 -8.35 15.29
C GLY A 46 6.11 -7.11 14.98
N ILE A 47 5.40 -6.01 14.75
CA ILE A 47 6.03 -4.73 14.43
C ILE A 47 5.76 -3.72 15.55
N ALA A 48 6.79 -3.00 15.99
CA ALA A 48 6.60 -1.93 16.99
C ALA A 48 7.64 -0.84 16.70
N LEU A 49 7.23 0.41 16.85
CA LEU A 49 8.16 1.54 16.68
C LEU A 49 8.20 2.39 17.95
N TYR A 50 9.42 2.78 18.37
CA TYR A 50 9.65 3.47 19.63
C TYR A 50 10.40 4.79 19.48
N SER A 51 9.97 5.80 20.23
CA SER A 51 10.68 7.08 20.24
C SER A 51 11.89 6.96 21.17
N HIS A 52 12.74 7.97 21.17
CA HIS A 52 13.91 7.95 22.05
C HIS A 52 13.51 8.10 23.53
N GLU A 53 12.26 8.48 23.78
CA GLU A 53 11.73 8.56 25.14
C GLU A 53 10.91 7.32 25.52
N ASP A 54 11.08 6.26 24.71
CA ASP A 54 10.48 4.94 24.96
C ASP A 54 8.99 4.88 24.71
N VAL A 55 8.46 5.89 24.02
CA VAL A 55 7.05 5.86 23.65
C VAL A 55 6.83 4.84 22.53
N CYS A 56 5.83 3.98 22.71
CA CYS A 56 5.48 2.99 21.68
C CYS A 56 4.48 3.70 20.77
N VAL A 57 4.97 4.26 19.68
CA VAL A 57 4.14 5.07 18.78
C VAL A 57 3.17 4.25 17.92
N PHE A 58 3.56 3.02 17.61
CA PHE A 58 2.76 2.14 16.76
C PHE A 58 3.15 0.69 17.02
N LYS A 59 2.15 -0.17 17.10
CA LYS A 59 2.42 -1.60 17.23
C LYS A 59 1.36 -2.40 16.51
N CYS A 60 1.76 -3.45 15.79
CA CYS A 60 0.79 -4.33 15.12
C CYS A 60 1.40 -5.69 14.79
N SER A 61 0.54 -6.59 14.31
CA SER A 61 0.98 -7.90 13.84
C SER A 61 0.65 -7.98 12.35
N VAL A 62 1.63 -8.35 11.54
CA VAL A 62 1.45 -8.47 10.08
C VAL A 62 1.43 -9.95 9.72
N SER A 63 0.30 -10.41 9.18
CA SER A 63 0.15 -11.83 8.82
C SER A 63 -0.22 -11.95 7.33
N ARG A 64 -0.46 -13.16 6.86
CA ARG A 64 -0.81 -13.37 5.46
C ARG A 64 -2.00 -12.53 4.98
N GLU A 65 -2.97 -12.30 5.87
CA GLU A 65 -4.20 -11.57 5.50
C GLU A 65 -4.11 -10.06 5.56
N THR A 66 -3.02 -9.53 6.13
CA THR A 66 -2.90 -8.10 6.36
C THR A 66 -2.78 -7.39 5.02
N GLU A 67 -3.53 -6.30 4.84
CA GLU A 67 -3.32 -5.42 3.69
C GLU A 67 -2.04 -4.62 3.90
N CYS A 68 -1.06 -4.82 3.01
CA CYS A 68 0.20 -4.11 3.09
C CYS A 68 0.97 -4.23 1.78
N SER A 69 1.93 -3.31 1.57
CA SER A 69 2.68 -3.30 0.31
C SER A 69 3.96 -2.49 0.44
N ARG A 70 4.99 -2.93 -0.26
CA ARG A 70 6.11 -2.03 -0.59
C ARG A 70 5.59 -0.76 -1.26
N VAL A 71 6.22 0.37 -0.93
CA VAL A 71 5.94 1.66 -1.57
C VAL A 71 7.30 2.23 -1.99
N GLY A 72 7.46 2.50 -3.27
CA GLY A 72 8.77 2.94 -3.81
C GLY A 72 9.93 2.00 -3.46
N ARG A 73 11.13 2.56 -3.28
CA ARG A 73 12.32 1.76 -3.04
C ARG A 73 12.57 1.37 -1.60
N GLN A 74 12.00 2.10 -0.64
CA GLN A 74 12.39 1.87 0.74
C GLN A 74 11.32 2.14 1.78
N SER A 75 10.06 2.03 1.38
CA SER A 75 8.93 2.25 2.31
C SER A 75 7.93 1.09 2.28
N PHE A 76 7.06 1.05 3.29
CA PHE A 76 6.11 -0.05 3.44
C PHE A 76 4.83 0.50 4.05
N ILE A 77 3.67 0.22 3.45
CA ILE A 77 2.41 0.69 4.00
C ILE A 77 1.65 -0.48 4.61
N ILE A 78 1.04 -0.25 5.79
CA ILE A 78 0.20 -1.24 6.46
C ILE A 78 -1.17 -0.61 6.73
N THR A 79 -2.24 -1.31 6.36
CA THR A 79 -3.59 -0.78 6.51
C THR A 79 -4.39 -1.70 7.43
N LEU A 80 -4.81 -1.15 8.57
CA LEU A 80 -5.57 -1.86 9.60
C LEU A 80 -6.72 -0.92 9.96
N GLY A 81 -7.95 -1.38 9.90
CA GLY A 81 -9.09 -0.48 10.12
C GLY A 81 -9.12 0.62 9.07
N CYS A 82 -9.45 1.85 9.48
CA CYS A 82 -9.67 2.91 8.49
C CYS A 82 -8.42 3.70 8.08
N ASN A 83 -7.35 3.56 8.86
CA ASN A 83 -6.14 4.34 8.64
C ASN A 83 -5.00 3.46 8.11
N SER A 84 -4.03 4.11 7.49
CA SER A 84 -2.88 3.41 6.97
C SER A 84 -1.67 4.03 7.63
N VAL A 85 -0.63 3.24 7.81
CA VAL A 85 0.62 3.80 8.30
C VAL A 85 1.70 3.47 7.28
N LEU A 86 2.51 4.48 6.95
CA LEU A 86 3.63 4.31 6.03
C LEU A 86 4.93 4.38 6.82
N ILE A 87 5.75 3.33 6.71
CA ILE A 87 7.05 3.29 7.36
C ILE A 87 8.10 3.51 6.30
N GLN A 88 8.96 4.53 6.49
CA GLN A 88 10.02 4.80 5.54
C GLN A 88 11.35 4.42 6.20
N PHE A 89 12.05 3.47 5.60
CA PHE A 89 13.32 2.99 6.15
C PHE A 89 14.49 3.89 5.80
N ALA A 90 15.52 3.85 6.63
CA ALA A 90 16.69 4.71 6.40
C ALA A 90 17.38 4.47 5.07
N THR A 91 17.49 3.21 4.65
CA THR A 91 18.09 2.86 3.35
C THR A 91 17.25 1.76 2.64
N PRO A 92 17.38 1.63 1.31
CA PRO A 92 16.78 0.49 0.62
C PRO A 92 17.27 -0.88 1.15
N HIS A 93 18.54 -0.97 1.54
CA HIS A 93 19.06 -2.21 2.13
C HIS A 93 18.28 -2.64 3.38
N ASP A 94 18.00 -1.67 4.26
CA ASP A 94 17.23 -1.91 5.46
C ASP A 94 15.83 -2.38 5.07
N PHE A 95 15.21 -1.68 4.13
CA PHE A 95 13.88 -2.10 3.69
C PHE A 95 13.90 -3.52 3.18
N CYS A 96 14.88 -3.84 2.34
CA CYS A 96 14.96 -5.19 1.73
C CYS A 96 15.08 -6.27 2.83
N SER A 97 15.87 -6.00 3.86
CA SER A 97 16.06 -6.94 4.98
C SER A 97 14.74 -7.17 5.68
N PHE A 98 14.08 -6.06 6.06
CA PHE A 98 12.73 -6.07 6.64
C PHE A 98 11.73 -6.86 5.81
N TYR A 99 11.68 -6.57 4.51
CA TYR A 99 10.69 -7.20 3.60
C TYR A 99 10.87 -8.71 3.56
N ASN A 100 12.12 -9.16 3.56
CA ASN A 100 12.43 -10.58 3.56
C ASN A 100 11.92 -11.27 4.82
N ILE A 101 12.01 -10.58 5.96
CA ILE A 101 11.47 -11.14 7.22
C ILE A 101 9.96 -11.30 7.05
N LEU A 102 9.32 -10.25 6.56
CA LEU A 102 7.85 -10.26 6.41
C LEU A 102 7.37 -11.32 5.43
N LYS A 103 8.08 -11.47 4.32
CA LYS A 103 7.74 -12.50 3.33
C LYS A 103 7.80 -13.90 3.93
N THR A 104 8.82 -14.15 4.77
CA THR A 104 8.96 -15.42 5.48
C THR A 104 7.79 -15.68 6.44
N CYS A 105 7.47 -14.68 7.26
CA CYS A 105 6.38 -14.81 8.23
C CYS A 105 5.01 -14.99 7.58
N ARG A 106 4.81 -14.41 6.40
CA ARG A 106 3.53 -14.44 5.70
C ARG A 106 3.37 -15.64 4.74
N GLY A 107 4.41 -16.46 4.67
CA GLY A 107 4.37 -17.71 3.92
C GLY A 107 4.72 -17.63 2.45
N HIS A 108 5.26 -16.49 2.02
CA HIS A 108 5.67 -16.31 0.62
C HIS A 108 7.12 -16.77 0.40
N GLY B 1 -13.34 -12.72 -33.68
CA GLY B 1 -14.27 -12.96 -32.53
C GLY B 1 -14.82 -14.37 -32.44
N SER B 2 -15.80 -14.57 -31.55
CA SER B 2 -16.29 -13.54 -30.62
C SER B 2 -16.62 -14.18 -29.27
N HIS B 3 -16.68 -13.35 -28.22
CA HIS B 3 -17.10 -13.80 -26.89
C HIS B 3 -17.72 -12.65 -26.11
N MET B 4 -18.44 -12.95 -25.02
CA MET B 4 -18.92 -11.89 -24.13
C MET B 4 -17.94 -11.65 -22.98
N ALA B 5 -17.88 -10.40 -22.50
CA ALA B 5 -17.04 -10.05 -21.35
C ALA B 5 -17.66 -8.91 -20.54
N THR B 6 -17.20 -8.79 -19.30
CA THR B 6 -17.65 -7.69 -18.43
C THR B 6 -16.56 -6.63 -18.38
N VAL B 7 -17.00 -5.38 -18.37
CA VAL B 7 -16.13 -4.23 -18.08
C VAL B 7 -16.72 -3.47 -16.91
N SER B 8 -15.97 -3.40 -15.80
CA SER B 8 -16.46 -2.64 -14.64
C SER B 8 -15.82 -1.25 -14.69
N VAL B 9 -16.67 -0.24 -14.65
CA VAL B 9 -16.26 1.15 -14.89
C VAL B 9 -16.49 2.01 -13.66
N PHE B 10 -15.45 2.76 -13.26
CA PHE B 10 -15.49 3.61 -12.05
C PHE B 10 -15.14 5.05 -12.41
N PRO B 11 -16.15 5.87 -12.74
CA PRO B 11 -15.89 7.28 -13.06
C PRO B 11 -15.44 8.06 -11.83
N GLY B 12 -14.72 9.15 -12.05
CA GLY B 12 -14.36 10.05 -10.99
C GLY B 12 -13.20 9.58 -10.13
N ALA B 13 -12.42 8.64 -10.67
CA ALA B 13 -11.20 8.19 -10.01
C ALA B 13 -10.08 9.21 -10.23
N ARG B 14 -9.09 9.14 -9.35
CA ARG B 14 -7.91 9.97 -9.52
C ARG B 14 -6.65 9.16 -9.32
N LEU B 15 -5.55 9.63 -9.92
CA LEU B 15 -4.27 8.95 -9.83
C LEU B 15 -3.15 9.87 -9.34
N LEU B 16 -2.48 9.46 -8.27
CA LEU B 16 -1.34 10.20 -7.74
C LEU B 16 -0.07 9.35 -7.90
N THR B 17 0.99 9.98 -8.39
CA THR B 17 2.26 9.27 -8.52
C THR B 17 3.08 9.53 -7.26
N ILE B 18 3.52 8.45 -6.63
CA ILE B 18 4.28 8.54 -5.40
C ILE B 18 5.75 8.69 -5.79
N GLY B 19 6.40 9.70 -5.25
CA GLY B 19 7.76 10.04 -5.64
C GLY B 19 8.71 10.00 -4.48
N ASP B 20 9.73 9.15 -4.59
CA ASP B 20 10.82 9.11 -3.63
C ASP B 20 12.14 9.38 -4.35
N ALA B 21 12.78 10.51 -3.99
CA ALA B 21 14.07 10.91 -4.54
C ALA B 21 14.85 11.78 -3.56
N ASN B 22 14.12 12.58 -2.77
CA ASN B 22 14.71 13.36 -1.67
C ASN B 22 13.93 13.28 -0.35
N GLY B 23 12.79 12.59 -0.35
CA GLY B 23 12.02 12.39 0.88
C GLY B 23 10.50 12.30 0.74
N GLU B 24 9.86 13.46 0.57
CA GLU B 24 8.39 13.57 0.59
C GLU B 24 7.70 12.96 -0.62
N ILE B 25 6.38 12.81 -0.52
CA ILE B 25 5.55 12.26 -1.61
C ILE B 25 5.59 13.20 -2.83
N GLN B 26 6.40 12.83 -3.83
CA GLN B 26 6.62 13.68 -5.00
C GLN B 26 5.64 13.37 -6.13
N ARG B 27 4.67 14.26 -6.32
CA ARG B 27 3.59 14.07 -7.29
C ARG B 27 4.08 14.30 -8.72
N HIS B 28 4.54 13.23 -9.37
CA HIS B 28 4.86 13.26 -10.81
C HIS B 28 3.55 13.41 -11.58
N ALA B 29 2.49 12.86 -11.00
CA ALA B 29 1.13 13.05 -11.49
C ALA B 29 0.19 13.31 -10.31
N GLU B 30 -0.88 14.05 -10.61
CA GLU B 30 -1.98 14.29 -9.69
C GLU B 30 -3.20 14.58 -10.56
N GLN B 31 -3.63 13.56 -11.31
CA GLN B 31 -4.65 13.73 -12.33
C GLN B 31 -6.06 13.48 -11.83
N GLN B 32 -6.91 14.50 -12.01
CA GLN B 32 -8.34 14.49 -11.69
C GLN B 32 -9.18 13.93 -12.84
N ALA B 33 -10.41 13.50 -12.50
CA ALA B 33 -11.44 13.08 -13.45
C ALA B 33 -10.97 12.01 -14.44
N LEU B 34 -10.76 10.81 -13.90
CA LEU B 34 -10.39 9.69 -14.73
C LEU B 34 -11.47 8.65 -14.56
N ARG B 35 -11.62 7.79 -15.56
CA ARG B 35 -12.48 6.63 -15.40
C ARG B 35 -11.56 5.40 -15.34
N LEU B 36 -11.69 4.64 -14.27
CA LEU B 36 -10.95 3.40 -14.14
C LEU B 36 -11.80 2.26 -14.70
N GLU B 37 -11.20 1.44 -15.54
CA GLU B 37 -11.92 0.29 -16.08
C GLU B 37 -11.20 -0.99 -15.70
N VAL B 38 -11.96 -2.00 -15.25
CA VAL B 38 -11.40 -3.31 -14.92
C VAL B 38 -11.92 -4.35 -15.89
N ARG B 39 -11.00 -5.12 -16.47
CA ARG B 39 -11.30 -6.22 -17.37
C ARG B 39 -10.69 -7.47 -16.75
N ALA B 40 -11.55 -8.25 -16.10
CA ALA B 40 -11.08 -9.27 -15.17
C ALA B 40 -11.06 -10.63 -15.83
N GLY B 41 -9.95 -11.35 -15.62
CA GLY B 41 -9.85 -12.74 -16.04
C GLY B 41 -9.68 -13.65 -14.83
N PRO B 42 -9.61 -14.97 -15.06
CA PRO B 42 -9.43 -15.97 -14.01
C PRO B 42 -8.25 -15.72 -13.05
N ASP B 43 -7.15 -15.19 -13.57
CA ASP B 43 -5.91 -15.08 -12.76
C ASP B 43 -5.28 -13.70 -12.74
N ALA B 44 -5.76 -12.80 -13.59
CA ALA B 44 -5.27 -11.43 -13.56
C ALA B 44 -6.39 -10.49 -13.96
N ALA B 45 -6.37 -9.31 -13.37
CA ALA B 45 -7.36 -8.28 -13.67
C ALA B 45 -6.62 -7.18 -14.40
N GLY B 46 -7.04 -6.85 -15.61
CA GLY B 46 -6.47 -5.70 -16.30
C GLY B 46 -7.10 -4.42 -15.80
N ILE B 47 -6.28 -3.47 -15.38
CA ILE B 47 -6.75 -2.14 -14.97
C ILE B 47 -6.23 -1.10 -15.95
N ALA B 48 -7.09 -0.15 -16.35
CA ALA B 48 -6.68 0.99 -17.18
C ALA B 48 -7.46 2.23 -16.77
N LEU B 49 -6.78 3.36 -16.69
CA LEU B 49 -7.42 4.64 -16.39
C LEU B 49 -7.39 5.56 -17.59
N TYR B 50 -8.57 6.05 -17.97
CA TYR B 50 -8.72 6.88 -19.17
C TYR B 50 -9.18 8.30 -18.83
N SER B 51 -8.61 9.28 -19.53
CA SER B 51 -9.09 10.66 -19.44
C SER B 51 -10.41 10.80 -20.22
N HIS B 52 -11.05 11.96 -20.12
CA HIS B 52 -12.27 12.25 -20.88
C HIS B 52 -12.05 12.18 -22.39
N GLU B 53 -10.81 12.39 -22.81
CA GLU B 53 -10.40 12.35 -24.21
C GLU B 53 -9.92 10.94 -24.59
N ASP B 54 -10.16 9.98 -23.69
CA ASP B 54 -9.81 8.55 -23.87
C ASP B 54 -8.31 8.29 -23.93
N VAL B 55 -7.50 9.19 -23.38
CA VAL B 55 -6.05 8.94 -23.21
C VAL B 55 -5.82 7.97 -22.04
N CYS B 56 -5.08 6.89 -22.29
CA CYS B 56 -4.74 5.94 -21.23
C CYS B 56 -3.57 6.46 -20.41
N VAL B 57 -3.86 6.90 -19.19
CA VAL B 57 -2.84 7.58 -18.36
C VAL B 57 -2.07 6.61 -17.46
N PHE B 58 -2.66 5.45 -17.20
CA PHE B 58 -2.06 4.38 -16.42
C PHE B 58 -2.74 3.06 -16.77
N LYS B 59 -1.95 2.00 -16.89
CA LYS B 59 -2.50 0.65 -17.00
C LYS B 59 -1.56 -0.36 -16.35
N CYS B 60 -2.15 -1.46 -15.90
CA CYS B 60 -1.38 -2.57 -15.35
C CYS B 60 -2.22 -3.85 -15.26
N SER B 61 -1.56 -4.95 -14.89
CA SER B 61 -2.24 -6.19 -14.62
C SER B 61 -2.11 -6.51 -13.14
N VAL B 62 -3.21 -6.86 -12.48
CA VAL B 62 -3.14 -7.22 -11.05
C VAL B 62 -3.32 -8.73 -10.93
N SER B 63 -2.39 -9.39 -10.25
CA SER B 63 -2.40 -10.84 -10.02
C SER B 63 -1.97 -11.14 -8.57
N ARG B 64 -1.88 -12.43 -8.22
CA ARG B 64 -1.48 -12.85 -6.88
C ARG B 64 -0.14 -12.25 -6.47
N GLU B 65 0.73 -12.04 -7.46
CA GLU B 65 2.10 -11.57 -7.25
C GLU B 65 2.23 -10.06 -7.00
N THR B 66 1.23 -9.31 -7.43
CA THR B 66 1.31 -7.85 -7.47
C THR B 66 1.44 -7.25 -6.08
N GLU B 67 2.36 -6.29 -5.94
CA GLU B 67 2.55 -5.57 -4.67
C GLU B 67 1.51 -4.45 -4.67
N CYS B 68 0.50 -4.58 -3.82
CA CYS B 68 -0.61 -3.62 -3.78
C CYS B 68 -1.37 -3.72 -2.46
N SER B 69 -2.11 -2.68 -2.11
CA SER B 69 -2.82 -2.65 -0.83
C SER B 69 -3.91 -1.59 -0.82
N ARG B 70 -5.02 -1.91 -0.15
CA ARG B 70 -5.96 -0.87 0.29
C ARG B 70 -5.19 0.20 1.09
N VAL B 71 -5.56 1.46 0.87
CA VAL B 71 -5.10 2.61 1.65
C VAL B 71 -6.35 3.37 2.10
N GLY B 72 -6.45 3.63 3.41
CA GLY B 72 -7.67 4.28 3.94
C GLY B 72 -8.91 3.48 3.59
N ARG B 73 -10.03 4.16 3.36
CA ARG B 73 -11.30 3.47 3.04
C ARG B 73 -11.73 3.55 1.57
N GLN B 74 -10.97 4.28 0.74
CA GLN B 74 -11.36 4.43 -0.65
C GLN B 74 -10.20 4.57 -1.63
N SER B 75 -9.01 4.15 -1.20
CA SER B 75 -7.82 4.27 -2.06
C SER B 75 -7.06 2.94 -2.20
N PHE B 76 -6.19 2.88 -3.19
CA PHE B 76 -5.49 1.64 -3.48
C PHE B 76 -4.11 1.95 -4.04
N ILE B 77 -3.06 1.36 -3.46
CA ILE B 77 -1.70 1.60 -3.95
C ILE B 77 -1.25 0.40 -4.76
N ILE B 78 -0.54 0.64 -5.87
CA ILE B 78 0.02 -0.43 -6.70
C ILE B 78 1.49 -0.10 -6.95
N THR B 79 2.37 -1.06 -6.67
CA THR B 79 3.81 -0.84 -6.82
C THR B 79 4.36 -1.82 -7.86
N LEU B 80 5.09 -1.27 -8.85
CA LEU B 80 5.58 -2.04 -10.00
C LEU B 80 7.01 -1.57 -10.23
N GLY B 81 7.97 -2.48 -10.20
CA GLY B 81 9.38 -2.05 -10.32
C GLY B 81 9.66 -1.08 -9.19
N CYS B 82 10.27 0.08 -9.50
CA CYS B 82 10.64 1.00 -8.42
C CYS B 82 9.55 2.02 -8.04
N ASN B 83 8.44 1.98 -8.75
CA ASN B 83 7.47 3.07 -8.75
C ASN B 83 6.12 2.66 -8.18
N SER B 84 5.49 3.58 -7.44
CA SER B 84 4.15 3.33 -6.88
C SER B 84 3.17 4.41 -7.34
N VAL B 85 1.92 4.01 -7.53
CA VAL B 85 0.81 4.95 -7.77
C VAL B 85 -0.27 4.73 -6.74
N LEU B 86 -0.99 5.79 -6.41
CA LEU B 86 -2.13 5.71 -5.54
C LEU B 86 -3.37 6.06 -6.34
N ILE B 87 -4.31 5.13 -6.41
CA ILE B 87 -5.60 5.35 -7.05
C ILE B 87 -6.62 5.69 -5.95
N GLN B 88 -7.37 6.78 -6.16
CA GLN B 88 -8.40 7.20 -5.22
C GLN B 88 -9.76 7.17 -5.91
N PHE B 89 -10.70 6.45 -5.31
CA PHE B 89 -12.03 6.28 -5.86
C PHE B 89 -12.95 7.40 -5.39
N ALA B 90 -14.06 7.61 -6.10
CA ALA B 90 -14.99 8.70 -5.74
C ALA B 90 -15.63 8.49 -4.36
N THR B 91 -15.94 7.24 -4.02
CA THR B 91 -16.61 6.89 -2.76
C THR B 91 -16.06 5.57 -2.23
N PRO B 92 -16.19 5.34 -0.90
CA PRO B 92 -15.86 4.02 -0.32
C PRO B 92 -16.65 2.88 -0.96
N HIS B 93 -17.90 3.13 -1.33
CA HIS B 93 -18.70 2.12 -2.08
C HIS B 93 -18.03 1.68 -3.40
N ASP B 94 -17.56 2.67 -4.18
CA ASP B 94 -16.82 2.36 -5.41
C ASP B 94 -15.60 1.54 -5.11
N PHE B 95 -14.82 1.98 -4.13
CA PHE B 95 -13.64 1.22 -3.77
C PHE B 95 -13.97 -0.23 -3.40
N CYS B 96 -15.01 -0.43 -2.59
CA CYS B 96 -15.32 -1.81 -2.17
C CYS B 96 -15.73 -2.67 -3.35
N SER B 97 -16.50 -2.10 -4.27
CA SER B 97 -16.89 -2.80 -5.51
C SER B 97 -15.65 -3.25 -6.27
N PHE B 98 -14.71 -2.32 -6.40
CA PHE B 98 -13.44 -2.58 -7.08
C PHE B 98 -12.62 -3.67 -6.36
N TYR B 99 -12.46 -3.50 -5.05
CA TYR B 99 -11.70 -4.44 -4.24
C TYR B 99 -12.27 -5.87 -4.36
N ASN B 100 -13.60 -5.97 -4.34
CA ASN B 100 -14.26 -7.29 -4.40
C ASN B 100 -13.98 -7.99 -5.73
N ILE B 101 -13.96 -7.20 -6.81
CA ILE B 101 -13.70 -7.74 -8.15
C ILE B 101 -12.27 -8.32 -8.20
N LEU B 102 -11.32 -7.66 -7.54
CA LEU B 102 -9.94 -8.15 -7.50
C LEU B 102 -9.72 -9.42 -6.66
N LYS B 103 -10.70 -9.80 -5.84
CA LYS B 103 -10.44 -10.92 -4.91
C LYS B 103 -10.07 -12.22 -5.61
N THR B 104 -10.69 -12.49 -6.76
CA THR B 104 -10.38 -13.71 -7.51
C THR B 104 -8.91 -13.77 -7.95
N CYS B 105 -8.42 -12.69 -8.55
CA CYS B 105 -7.05 -12.68 -9.09
C CYS B 105 -5.97 -12.52 -8.04
N ARG B 106 -6.31 -11.91 -6.90
CA ARG B 106 -5.35 -11.71 -5.82
C ARG B 106 -5.33 -12.94 -4.91
CL CL C . 12.11 -14.44 19.25
#